data_8CBR
#
_entry.id   8CBR
#
_cell.length_a   53.221
_cell.length_b   65.172
_cell.length_c   70.474
_cell.angle_alpha   90.000
_cell.angle_beta   101.484
_cell.angle_gamma   90.000
#
_symmetry.space_group_name_H-M   'P 1 21 1'
#
loop_
_entity.id
_entity.type
_entity.pdbx_description
1 polymer Integrase
2 non-polymer '(2S)-2-[3-cyclopropyl-2-(3,4-dihydro-2H-chromen-6-yl)-6-methyl-phenyl]-2-[(2-methylpropan-2-yl)oxy]ethanoic acid'
3 non-polymer 1,2-ETHANEDIOL
4 non-polymer 'CHLORIDE ION'
5 non-polymer 'MAGNESIUM ION'
6 water water
#
_entity_poly.entity_id   1
_entity_poly.type   'polypeptide(L)'
_entity_poly.pdbx_seq_one_letter_code
;SIQNFRVYYRDSRDPVWKGPAKLLEKGEGAVVIQDNSDIKVVPRRKAKIIRDYGKQMAGDDCVASRQDEDMHGQVDCSPG
IWQLDCTHLEGKVILVAVHVASGYIEAEVIPAETGQETAYFLLKLAGRWPVKTVHTDNGSNFTSTTVKAACWWAGIKQEF
GIPYNPQSQGVIESMNKELKKIIGQVRDQAEHLKTAVQMAVFIHNKKRKGGIGGYSAGERIVDIIATDIQTKE
;
_entity_poly.pdbx_strand_id   A,B,C,D
#
loop_
_chem_comp.id
_chem_comp.type
_chem_comp.name
_chem_comp.formula
CL non-polymer 'CHLORIDE ION' 'Cl -1'
EDO non-polymer 1,2-ETHANEDIOL 'C2 H6 O2'
MG non-polymer 'MAGNESIUM ION' 'Mg 2'
RWR non-polymer '(2S)-2-[3-cyclopropyl-2-(3,4-dihydro-2H-chromen-6-yl)-6-methyl-phenyl]-2-[(2-methylpropan-2-yl)oxy]ethanoic acid' 'C25 H30 O4'
#
# COMPACT_ATOMS: atom_id res chain seq x y z
N GLN A 3 8.80 27.85 0.37
CA GLN A 3 9.66 26.93 1.10
C GLN A 3 9.65 27.20 2.61
N ASN A 4 8.98 26.33 3.37
CA ASN A 4 8.80 26.51 4.80
C ASN A 4 9.35 25.31 5.57
N PHE A 5 9.89 25.57 6.75
CA PHE A 5 10.51 24.54 7.58
C PHE A 5 9.86 24.51 8.96
N ARG A 6 9.71 23.29 9.50
CA ARG A 6 9.37 23.08 10.89
C ARG A 6 10.36 22.09 11.47
N VAL A 7 10.56 22.17 12.78
CA VAL A 7 11.55 21.34 13.48
C VAL A 7 10.84 20.43 14.46
N TYR A 8 11.17 19.15 14.41
CA TYR A 8 10.74 18.17 15.39
C TYR A 8 11.99 17.71 16.12
N TYR A 9 11.88 17.45 17.42
CA TYR A 9 13.06 17.27 18.25
C TYR A 9 12.68 16.47 19.49
N ARG A 10 13.70 15.94 20.16
CA ARG A 10 13.59 15.26 21.44
C ARG A 10 14.34 16.02 22.53
N ASP A 11 13.96 15.74 23.77
CA ASP A 11 14.70 16.19 24.94
C ASP A 11 15.41 14.99 25.57
N ASP A 14 13.35 12.31 27.42
CA ASP A 14 12.01 12.04 26.90
C ASP A 14 12.09 11.56 25.44
N PRO A 15 11.71 10.31 25.20
CA PRO A 15 11.79 9.75 23.85
C PRO A 15 10.61 10.09 22.95
N VAL A 16 9.64 10.88 23.41
CA VAL A 16 8.55 11.31 22.54
C VAL A 16 9.00 12.53 21.74
N TRP A 17 8.63 12.56 20.47
CA TRP A 17 9.00 13.69 19.62
C TRP A 17 8.11 14.88 19.90
N LYS A 18 8.72 16.06 19.92
CA LYS A 18 8.04 17.33 20.15
C LYS A 18 8.04 18.15 18.86
N GLY A 19 7.12 19.11 18.79
CA GLY A 19 7.00 19.96 17.64
C GLY A 19 5.59 20.04 17.09
N PRO A 20 5.40 20.81 16.01
CA PRO A 20 6.43 21.54 15.25
C PRO A 20 6.95 22.76 15.99
N ALA A 21 8.23 23.03 15.82
CA ALA A 21 8.86 24.23 16.34
C ALA A 21 9.34 25.09 15.18
N LYS A 22 9.34 26.41 15.39
CA LYS A 22 9.90 27.33 14.42
C LYS A 22 11.42 27.24 14.43
N LEU A 23 12.00 27.22 13.23
CA LEU A 23 13.46 27.24 13.08
C LEU A 23 13.98 28.67 13.17
N LEU A 24 14.77 28.97 14.19
CA LEU A 24 15.37 30.30 14.29
C LEU A 24 16.73 30.34 13.60
N GLU A 25 17.57 29.37 13.89
CA GLU A 25 18.92 29.34 13.34
C GLU A 25 19.43 27.91 13.32
N LYS A 26 20.22 27.59 12.30
CA LYS A 26 20.86 26.28 12.18
C LYS A 26 22.36 26.49 12.26
N GLY A 27 22.99 25.90 13.28
CA GLY A 27 24.42 25.84 13.37
C GLY A 27 24.94 24.45 13.00
N GLU A 28 26.27 24.35 13.00
CA GLU A 28 26.90 23.08 12.64
C GLU A 28 26.54 21.98 13.62
N GLY A 29 26.44 22.30 14.91
CA GLY A 29 26.20 21.29 15.92
C GLY A 29 24.86 21.37 16.62
N ALA A 30 24.15 22.50 16.48
CA ALA A 30 22.88 22.68 17.17
C ALA A 30 21.93 23.48 16.30
N VAL A 31 20.64 23.37 16.62
CA VAL A 31 19.61 24.22 16.04
C VAL A 31 18.95 25.00 17.17
N VAL A 32 18.68 26.27 16.90
CA VAL A 32 17.93 27.13 17.81
C VAL A 32 16.50 27.20 17.28
N ILE A 33 15.54 26.86 18.13
CA ILE A 33 14.15 26.74 17.74
C ILE A 33 13.30 27.45 18.77
N GLN A 34 12.06 27.75 18.37
CA GLN A 34 11.07 28.35 19.27
C GLN A 34 9.84 27.46 19.26
N ASP A 35 9.60 26.77 20.37
CA ASP A 35 8.41 25.93 20.52
C ASP A 35 7.42 26.70 21.38
N ASN A 36 6.39 27.26 20.73
CA ASN A 36 5.46 28.19 21.35
C ASN A 36 6.22 29.42 21.86
N SER A 37 6.41 29.53 23.18
CA SER A 37 7.03 30.72 23.77
C SER A 37 8.43 30.47 24.31
N ASP A 38 8.96 29.25 24.22
CA ASP A 38 10.28 28.91 24.75
C ASP A 38 11.27 28.73 23.61
N ILE A 39 12.39 29.44 23.70
CA ILE A 39 13.49 29.25 22.76
C ILE A 39 14.43 28.21 23.33
N LYS A 40 14.80 27.23 22.51
CA LYS A 40 15.61 26.09 22.93
C LYS A 40 16.77 25.91 21.98
N VAL A 41 17.89 25.43 22.52
CA VAL A 41 19.05 25.02 21.75
C VAL A 41 19.07 23.48 21.78
N VAL A 42 19.05 22.87 20.61
CA VAL A 42 18.87 21.43 20.47
C VAL A 42 20.04 20.87 19.63
N PRO A 43 20.74 19.84 20.11
CA PRO A 43 21.77 19.20 19.28
C PRO A 43 21.19 18.76 17.95
N ARG A 44 22.02 18.88 16.89
CA ARG A 44 21.59 18.53 15.55
C ARG A 44 21.10 17.08 15.46
N ARG A 45 21.77 16.17 16.16
CA ARG A 45 21.39 14.76 16.08
C ARG A 45 20.03 14.50 16.71
N LYS A 46 19.53 15.42 17.54
CA LYS A 46 18.24 15.24 18.20
C LYS A 46 17.11 16.02 17.52
N ALA A 47 17.34 16.57 16.34
CA ALA A 47 16.36 17.40 15.64
C ALA A 47 16.13 16.89 14.23
N LYS A 48 14.90 17.06 13.74
CA LYS A 48 14.56 16.83 12.34
C LYS A 48 13.98 18.11 11.78
N ILE A 49 14.64 18.67 10.78
CA ILE A 49 14.21 19.90 10.12
C ILE A 49 13.49 19.49 8.83
N ILE A 50 12.19 19.70 8.79
CA ILE A 50 11.34 19.13 7.76
C ILE A 50 10.73 20.24 6.93
N ARG A 51 10.94 20.16 5.61
CA ARG A 51 10.38 21.11 4.66
C ARG A 51 8.98 20.69 4.25
N ASP A 52 8.15 21.69 3.90
CA ASP A 52 6.82 21.40 3.36
C ASP A 52 6.91 21.07 1.86
N TYR A 53 7.64 19.98 1.58
CA TYR A 53 7.92 19.59 0.20
C TYR A 53 6.66 19.44 -0.64
N GLY A 54 5.63 18.79 -0.09
CA GLY A 54 4.42 18.55 -0.87
C GLY A 54 3.80 19.81 -1.43
N LYS A 55 3.81 20.88 -0.64
CA LYS A 55 3.41 22.24 -1.04
C LYS A 55 2.30 22.33 -2.11
N CYS B 77 -18.02 16.29 -2.80
CA CYS B 77 -17.06 17.14 -2.12
C CYS B 77 -15.71 17.17 -2.86
N SER B 78 -14.68 17.65 -2.16
CA SER B 78 -13.39 17.85 -2.81
C SER B 78 -12.78 16.50 -3.21
N PRO B 79 -12.19 16.42 -4.40
CA PRO B 79 -11.43 15.21 -4.76
C PRO B 79 -10.22 14.94 -3.88
N GLY B 80 -9.80 15.90 -3.06
CA GLY B 80 -8.61 15.75 -2.23
C GLY B 80 -8.85 15.26 -0.82
N ILE B 81 -10.09 14.92 -0.44
CA ILE B 81 -10.47 14.67 0.94
C ILE B 81 -10.55 13.17 1.21
N TRP B 82 -9.86 12.72 2.27
CA TRP B 82 -9.83 11.34 2.71
C TRP B 82 -10.19 11.26 4.19
N GLN B 83 -10.80 10.14 4.60
CA GLN B 83 -10.99 9.83 6.01
C GLN B 83 -10.20 8.57 6.38
N LEU B 84 -9.57 8.57 7.55
CA LEU B 84 -8.84 7.41 8.04
C LEU B 84 -9.33 7.02 9.44
N ASP B 85 -9.35 5.73 9.71
CA ASP B 85 -9.76 5.21 11.02
C ASP B 85 -9.25 3.78 11.14
N CYS B 86 -9.15 3.31 12.37
CA CYS B 86 -8.74 1.95 12.66
C CYS B 86 -9.93 1.10 13.08
N THR B 87 -9.94 -0.16 12.65
CA THR B 87 -10.86 -1.14 13.19
C THR B 87 -10.04 -2.37 13.57
N HIS B 88 -10.71 -3.36 14.19
CA HIS B 88 -10.00 -4.46 14.82
CA HIS B 88 -10.01 -4.45 14.83
C HIS B 88 -10.72 -5.78 14.55
N LEU B 89 -9.92 -6.81 14.28
CA LEU B 89 -10.42 -8.17 14.10
C LEU B 89 -9.32 -9.14 14.55
N GLU B 90 -9.72 -10.18 15.28
CA GLU B 90 -8.81 -11.27 15.67
C GLU B 90 -7.61 -10.74 16.45
N GLY B 91 -7.80 -9.64 17.18
CA GLY B 91 -6.74 -9.04 17.95
C GLY B 91 -5.77 -8.18 17.16
N LYS B 92 -6.03 -7.93 15.88
CA LYS B 92 -5.13 -7.20 15.01
C LYS B 92 -5.74 -5.85 14.63
N VAL B 93 -4.87 -4.92 14.28
CA VAL B 93 -5.24 -3.53 13.99
C VAL B 93 -5.30 -3.34 12.48
N ILE B 94 -6.45 -2.91 11.96
CA ILE B 94 -6.60 -2.62 10.54
C ILE B 94 -6.73 -1.11 10.38
N LEU B 95 -5.81 -0.50 9.64
CA LEU B 95 -5.86 0.92 9.33
C LEU B 95 -6.47 1.09 7.95
N VAL B 96 -7.55 1.87 7.86
CA VAL B 96 -8.38 2.00 6.66
C VAL B 96 -8.42 3.46 6.23
N ALA B 97 -8.26 3.69 4.92
CA ALA B 97 -8.40 5.02 4.31
C ALA B 97 -9.51 4.98 3.28
N VAL B 98 -10.38 6.00 3.27
CA VAL B 98 -11.45 6.08 2.29
C VAL B 98 -11.39 7.43 1.57
N HIS B 99 -11.45 7.39 0.24
CA HIS B 99 -11.65 8.58 -0.57
C HIS B 99 -13.14 8.93 -0.52
N VAL B 100 -13.49 10.01 0.20
CA VAL B 100 -14.88 10.26 0.59
C VAL B 100 -15.78 10.40 -0.64
N ALA B 101 -15.31 11.03 -1.71
CA ALA B 101 -16.19 11.31 -2.85
C ALA B 101 -16.45 10.08 -3.73
N SER B 102 -15.59 9.07 -3.69
CA SER B 102 -15.77 7.88 -4.53
C SER B 102 -16.15 6.63 -3.76
N GLY B 103 -15.84 6.56 -2.46
CA GLY B 103 -15.96 5.32 -1.72
C GLY B 103 -14.76 4.38 -1.85
N TYR B 104 -13.77 4.72 -2.66
CA TYR B 104 -12.57 3.90 -2.80
C TYR B 104 -11.87 3.76 -1.45
N ILE B 105 -11.33 2.56 -1.17
CA ILE B 105 -10.62 2.32 0.08
C ILE B 105 -9.26 1.67 -0.16
N GLU B 106 -8.36 1.89 0.81
CA GLU B 106 -7.12 1.15 1.00
C GLU B 106 -7.00 0.79 2.47
N ALA B 107 -6.33 -0.33 2.76
CA ALA B 107 -6.20 -0.79 4.13
C ALA B 107 -4.91 -1.59 4.30
N GLU B 108 -4.39 -1.58 5.52
CA GLU B 108 -3.29 -2.47 5.87
CA GLU B 108 -3.22 -2.37 5.91
C GLU B 108 -3.43 -2.91 7.32
N VAL B 109 -2.95 -4.11 7.58
CA VAL B 109 -2.87 -4.62 8.94
C VAL B 109 -1.56 -4.10 9.51
N ILE B 110 -1.63 -3.31 10.58
CA ILE B 110 -0.39 -2.74 11.12
C ILE B 110 -0.08 -3.42 12.45
N PRO B 111 1.20 -3.56 12.82
CA PRO B 111 1.54 -4.38 14.00
C PRO B 111 1.19 -3.71 15.32
N ALA B 112 1.04 -2.39 15.35
CA ALA B 112 0.68 -1.65 16.56
C ALA B 112 -0.03 -0.39 16.12
N GLU B 113 -0.97 0.09 16.94
CA GLU B 113 -1.80 1.23 16.55
C GLU B 113 -1.12 2.55 16.96
N THR B 114 0.06 2.78 16.38
CA THR B 114 0.92 3.87 16.82
C THR B 114 0.97 5.00 15.78
N GLY B 115 1.43 6.14 16.26
CA GLY B 115 1.72 7.24 15.36
C GLY B 115 2.70 6.88 14.26
N GLN B 116 3.75 6.11 14.61
CA GLN B 116 4.77 5.82 13.59
C GLN B 116 4.20 4.98 12.47
N GLU B 117 3.42 3.96 12.81
CA GLU B 117 2.78 3.14 11.78
C GLU B 117 1.80 3.95 10.94
N THR B 118 1.07 4.87 11.60
CA THR B 118 0.08 5.66 10.87
C THR B 118 0.76 6.65 9.92
N ALA B 119 1.85 7.26 10.38
CA ALA B 119 2.62 8.19 9.57
C ALA B 119 3.20 7.51 8.34
N TYR B 120 3.71 6.29 8.51
CA TYR B 120 4.27 5.55 7.37
C TYR B 120 3.17 5.23 6.37
N PHE B 121 2.00 4.77 6.87
CA PHE B 121 0.83 4.55 6.01
C PHE B 121 0.48 5.80 5.19
N LEU B 122 0.49 6.98 5.84
CA LEU B 122 0.15 8.22 5.14
C LEU B 122 1.16 8.60 4.06
N LEU B 123 2.47 8.45 4.35
CA LEU B 123 3.47 8.71 3.31
C LEU B 123 3.23 7.86 2.06
N LYS B 124 2.91 6.58 2.26
CA LYS B 124 2.59 5.74 1.10
C LYS B 124 1.37 6.24 0.36
N LEU B 125 0.29 6.54 1.10
CA LEU B 125 -0.95 6.99 0.47
C LEU B 125 -0.75 8.28 -0.31
N ALA B 126 0.01 9.22 0.25
CA ALA B 126 0.23 10.51 -0.39
C ALA B 126 1.03 10.38 -1.68
N GLY B 127 1.84 9.34 -1.80
CA GLY B 127 2.57 9.12 -3.05
C GLY B 127 1.71 8.62 -4.19
N ARG B 128 0.55 8.03 -3.89
CA ARG B 128 -0.31 7.45 -4.91
C ARG B 128 -1.38 8.39 -5.42
N TRP B 129 -1.95 9.20 -4.54
CA TRP B 129 -3.11 10.02 -4.82
C TRP B 129 -2.80 11.45 -4.43
N PRO B 130 -3.53 12.44 -5.00
CA PRO B 130 -3.42 13.83 -4.52
C PRO B 130 -4.18 14.05 -3.22
N VAL B 131 -3.54 13.67 -2.11
CA VAL B 131 -4.13 13.75 -0.78
C VAL B 131 -3.95 15.18 -0.27
N LYS B 132 -5.05 15.89 -0.08
CA LYS B 132 -4.98 17.27 0.40
C LYS B 132 -5.50 17.44 1.82
N THR B 133 -6.50 16.68 2.23
CA THR B 133 -7.07 16.75 3.57
C THR B 133 -7.34 15.35 4.07
N VAL B 134 -6.95 15.07 5.32
N VAL B 134 -6.99 15.09 5.33
CA VAL B 134 -7.29 13.82 5.99
CA VAL B 134 -7.27 13.82 6.00
C VAL B 134 -8.12 14.16 7.21
C VAL B 134 -8.09 14.11 7.24
N HIS B 135 -9.26 13.48 7.35
CA HIS B 135 -10.16 13.67 8.48
C HIS B 135 -10.13 12.43 9.36
N THR B 136 -9.90 12.62 10.67
CA THR B 136 -9.82 11.51 11.60
C THR B 136 -10.54 11.87 12.89
N ASP B 137 -10.74 10.87 13.75
CA ASP B 137 -11.13 11.13 15.12
C ASP B 137 -9.87 11.50 15.91
N ASN B 138 -9.96 11.57 17.23
CA ASN B 138 -8.87 12.02 18.08
C ASN B 138 -8.07 10.87 18.69
N GLY B 139 -8.06 9.71 18.05
CA GLY B 139 -7.19 8.62 18.48
C GLY B 139 -5.75 9.09 18.57
N SER B 140 -5.04 8.60 19.58
CA SER B 140 -3.71 9.14 19.89
C SER B 140 -2.71 8.91 18.77
N ASN B 141 -2.95 7.91 17.91
CA ASN B 141 -2.06 7.72 16.77
C ASN B 141 -2.27 8.80 15.71
N PHE B 142 -3.49 9.32 15.59
CA PHE B 142 -3.76 10.32 14.57
C PHE B 142 -3.35 11.73 15.01
N THR B 143 -3.28 11.98 16.32
CA THR B 143 -2.84 13.28 16.84
C THR B 143 -1.36 13.30 17.16
N SER B 144 -0.62 12.24 16.83
CA SER B 144 0.79 12.10 17.20
C SER B 144 1.67 13.07 16.42
N THR B 145 2.87 13.30 16.99
CA THR B 145 3.85 14.18 16.37
C THR B 145 4.36 13.59 15.05
N THR B 146 4.53 12.26 14.98
CA THR B 146 5.04 11.68 13.74
C THR B 146 4.08 11.89 12.58
N VAL B 147 2.76 11.81 12.85
CA VAL B 147 1.77 12.04 11.80
C VAL B 147 1.78 13.51 11.38
N LYS B 148 1.87 14.43 12.34
CA LYS B 148 2.03 15.84 12.02
C LYS B 148 3.20 16.07 11.06
N ALA B 149 4.33 15.43 11.35
CA ALA B 149 5.52 15.57 10.51
C ALA B 149 5.25 15.06 9.10
N ALA B 150 4.64 13.87 9.00
CA ALA B 150 4.36 13.31 7.68
C ALA B 150 3.43 14.23 6.90
N CYS B 151 2.38 14.75 7.54
CA CYS B 151 1.43 15.61 6.84
C CYS B 151 2.07 16.94 6.44
N TRP B 152 2.91 17.50 7.32
CA TRP B 152 3.68 18.69 6.96
C TRP B 152 4.54 18.45 5.72
N TRP B 153 5.32 17.36 5.70
CA TRP B 153 6.19 17.10 4.56
C TRP B 153 5.38 16.85 3.28
N ALA B 154 4.30 16.08 3.38
CA ALA B 154 3.50 15.72 2.21
C ALA B 154 2.53 16.81 1.78
N GLY B 155 2.34 17.87 2.57
CA GLY B 155 1.40 18.90 2.19
C GLY B 155 -0.04 18.59 2.51
N ILE B 156 -0.29 17.89 3.62
CA ILE B 156 -1.62 17.40 3.98
C ILE B 156 -2.13 18.19 5.17
N LYS B 157 -3.36 18.69 5.07
CA LYS B 157 -4.06 19.34 6.17
C LYS B 157 -4.85 18.31 6.97
N GLN B 158 -4.73 18.35 8.28
N GLN B 158 -4.73 18.36 8.28
CA GLN B 158 -5.44 17.44 9.16
CA GLN B 158 -5.44 17.45 9.17
C GLN B 158 -6.65 18.14 9.77
C GLN B 158 -6.65 18.13 9.79
N GLU B 159 -7.77 17.42 9.82
CA GLU B 159 -8.98 17.89 10.48
C GLU B 159 -9.48 16.78 11.39
N PHE B 160 -9.98 17.16 12.57
CA PHE B 160 -10.34 16.21 13.61
C PHE B 160 -11.81 16.34 13.98
N GLY B 161 -12.42 15.21 14.33
CA GLY B 161 -13.80 15.18 14.80
C GLY B 161 -14.81 15.13 13.68
N GLY B 170 -19.33 10.12 9.21
CA GLY B 170 -19.59 8.71 9.43
C GLY B 170 -19.30 7.83 8.23
N VAL B 171 -18.66 8.38 7.21
CA VAL B 171 -18.34 7.60 6.02
C VAL B 171 -17.39 6.46 6.36
N ILE B 172 -16.28 6.78 7.04
CA ILE B 172 -15.27 5.75 7.31
C ILE B 172 -15.80 4.71 8.29
N GLU B 173 -16.61 5.13 9.26
CA GLU B 173 -17.21 4.16 10.18
C GLU B 173 -18.21 3.26 9.48
N SER B 174 -18.94 3.80 8.49
CA SER B 174 -19.77 2.96 7.65
C SER B 174 -18.93 2.02 6.81
N MET B 175 -17.77 2.51 6.36
CA MET B 175 -16.89 1.67 5.55
C MET B 175 -16.27 0.55 6.37
N ASN B 176 -15.85 0.85 7.60
CA ASN B 176 -15.31 -0.18 8.49
C ASN B 176 -16.27 -1.36 8.61
N LYS B 177 -17.56 -1.08 8.79
CA LYS B 177 -18.54 -2.15 8.91
C LYS B 177 -18.64 -2.94 7.62
N GLU B 178 -18.70 -2.25 6.49
CA GLU B 178 -18.81 -2.93 5.20
C GLU B 178 -17.57 -3.78 4.92
N LEU B 179 -16.38 -3.26 5.26
CA LEU B 179 -15.16 -4.04 5.09
C LEU B 179 -15.17 -5.28 5.97
N LYS B 180 -15.56 -5.13 7.24
CA LYS B 180 -15.64 -6.28 8.12
C LYS B 180 -16.65 -7.30 7.61
N LYS B 181 -17.73 -6.84 6.99
CA LYS B 181 -18.72 -7.76 6.44
C LYS B 181 -18.14 -8.59 5.31
N ILE B 182 -17.42 -7.95 4.38
CA ILE B 182 -16.84 -8.71 3.27
C ILE B 182 -15.78 -9.68 3.79
N ILE B 183 -14.94 -9.23 4.72
CA ILE B 183 -13.93 -10.10 5.32
C ILE B 183 -14.57 -11.37 5.85
N GLY B 184 -15.68 -11.24 6.59
CA GLY B 184 -16.35 -12.41 7.09
C GLY B 184 -16.83 -13.35 6.00
N GLN B 185 -17.27 -12.79 4.87
CA GLN B 185 -17.76 -13.62 3.77
C GLN B 185 -16.65 -14.46 3.16
N VAL B 186 -15.41 -13.96 3.14
CA VAL B 186 -14.29 -14.62 2.46
C VAL B 186 -13.26 -15.17 3.43
N ARG B 187 -13.48 -15.04 4.75
CA ARG B 187 -12.41 -15.30 5.72
C ARG B 187 -11.87 -16.72 5.60
N ASP B 188 -12.73 -17.69 5.34
CA ASP B 188 -12.24 -19.06 5.35
C ASP B 188 -11.47 -19.42 4.08
N GLN B 189 -11.36 -18.49 3.13
CA GLN B 189 -10.59 -18.72 1.92
C GLN B 189 -9.12 -18.37 2.05
N ALA B 190 -8.69 -17.82 3.18
CA ALA B 190 -7.30 -17.43 3.38
C ALA B 190 -6.86 -17.85 4.77
N GLU B 191 -5.56 -18.17 4.91
CA GLU B 191 -5.05 -18.43 6.25
C GLU B 191 -4.95 -17.13 7.05
N HIS B 192 -4.30 -16.12 6.48
N HIS B 192 -4.27 -16.13 6.49
CA HIS B 192 -3.97 -14.90 7.21
CA HIS B 192 -3.97 -14.90 7.23
C HIS B 192 -5.08 -13.88 7.12
C HIS B 192 -5.12 -13.91 7.13
N LEU B 193 -5.37 -13.21 8.24
CA LEU B 193 -6.37 -12.15 8.24
C LEU B 193 -6.02 -11.08 7.21
N LYS B 194 -4.73 -10.75 7.09
CA LYS B 194 -4.34 -9.68 6.18
C LYS B 194 -4.62 -10.07 4.73
N THR B 195 -4.51 -11.36 4.38
CA THR B 195 -4.88 -11.78 3.04
C THR B 195 -6.37 -11.52 2.79
N ALA B 196 -7.23 -11.90 3.73
CA ALA B 196 -8.67 -11.63 3.57
C ALA B 196 -8.98 -10.14 3.54
N VAL B 197 -8.23 -9.32 4.30
CA VAL B 197 -8.42 -7.87 4.25
C VAL B 197 -8.25 -7.37 2.83
N GLN B 198 -7.17 -7.81 2.16
CA GLN B 198 -6.89 -7.26 0.84
C GLN B 198 -7.86 -7.83 -0.20
N MET B 199 -8.31 -9.07 -0.01
CA MET B 199 -9.37 -9.60 -0.87
C MET B 199 -10.64 -8.76 -0.75
N ALA B 200 -10.99 -8.39 0.48
CA ALA B 200 -12.18 -7.59 0.70
C ALA B 200 -12.04 -6.18 0.12
N VAL B 201 -10.85 -5.59 0.22
CA VAL B 201 -10.61 -4.30 -0.41
C VAL B 201 -10.83 -4.40 -1.91
N PHE B 202 -10.24 -5.41 -2.54
CA PHE B 202 -10.40 -5.65 -3.97
C PHE B 202 -11.88 -5.79 -4.35
N ILE B 203 -12.59 -6.65 -3.63
CA ILE B 203 -14.02 -6.84 -3.87
C ILE B 203 -14.79 -5.52 -3.76
N HIS B 204 -14.53 -4.75 -2.68
CA HIS B 204 -15.27 -3.51 -2.53
C HIS B 204 -14.97 -2.52 -3.65
N ASN B 205 -13.69 -2.37 -4.02
CA ASN B 205 -13.32 -1.36 -4.99
C ASN B 205 -13.75 -1.70 -6.40
N LYS B 206 -13.88 -2.99 -6.72
CA LYS B 206 -14.20 -3.43 -8.08
C LYS B 206 -15.69 -3.62 -8.35
N LYS B 207 -16.55 -3.61 -7.34
CA LYS B 207 -17.97 -3.90 -7.51
C LYS B 207 -18.71 -2.72 -8.14
N ARG B 208 -19.43 -2.97 -9.23
CA ARG B 208 -20.18 -1.92 -9.90
C ARG B 208 -21.55 -1.74 -9.25
N LYS B 209 -21.99 -0.48 -9.14
CA LYS B 209 -23.31 -0.15 -8.63
C LYS B 209 -24.41 -0.88 -9.41
N GLY B 214 -23.29 3.21 -13.32
CA GLY B 214 -22.87 1.93 -12.78
C GLY B 214 -21.35 1.77 -12.76
N TYR B 215 -20.68 2.68 -12.06
CA TYR B 215 -19.24 2.62 -11.88
C TYR B 215 -18.89 1.95 -10.56
N SER B 216 -17.70 1.37 -10.51
CA SER B 216 -17.18 0.91 -9.23
C SER B 216 -16.48 2.06 -8.52
N ALA B 217 -16.20 1.87 -7.23
CA ALA B 217 -15.46 2.88 -6.49
C ALA B 217 -14.08 3.11 -7.10
N GLY B 218 -13.42 2.04 -7.56
CA GLY B 218 -12.11 2.19 -8.17
C GLY B 218 -12.15 2.95 -9.48
N GLU B 219 -13.27 2.82 -10.22
CA GLU B 219 -13.46 3.63 -11.43
C GLU B 219 -13.82 5.07 -11.11
N ARG B 220 -14.55 5.31 -10.02
CA ARG B 220 -14.97 6.66 -9.71
C ARG B 220 -13.80 7.51 -9.22
N ILE B 221 -12.91 6.95 -8.40
CA ILE B 221 -11.80 7.77 -7.91
C ILE B 221 -10.90 8.19 -9.07
N VAL B 222 -10.64 7.27 -10.00
CA VAL B 222 -9.80 7.61 -11.14
C VAL B 222 -10.49 8.62 -12.04
N ASP B 223 -11.81 8.44 -12.25
CA ASP B 223 -12.57 9.40 -13.05
C ASP B 223 -12.59 10.78 -12.40
N ILE B 224 -12.79 10.82 -11.08
CA ILE B 224 -12.87 12.09 -10.37
C ILE B 224 -11.54 12.83 -10.41
N ILE B 225 -10.44 12.10 -10.22
CA ILE B 225 -9.14 12.75 -10.10
C ILE B 225 -8.64 13.20 -11.47
N ALA B 226 -8.81 12.37 -12.50
CA ALA B 226 -8.39 12.77 -13.84
C ALA B 226 -9.11 14.04 -14.27
N THR B 227 -10.42 14.13 -14.02
CA THR B 227 -11.18 15.29 -14.42
C THR B 227 -10.70 16.55 -13.70
N ASP B 228 -10.26 16.41 -12.45
CA ASP B 228 -9.82 17.55 -11.66
C ASP B 228 -8.41 18.01 -12.00
N ILE B 229 -7.68 17.27 -12.84
CA ILE B 229 -6.40 17.74 -13.37
C ILE B 229 -6.64 18.89 -14.36
N ASN C 4 -13.94 -20.88 -12.53
CA ASN C 4 -13.75 -22.22 -12.01
C ASN C 4 -12.85 -22.16 -10.78
N PHE C 5 -12.67 -23.32 -10.14
CA PHE C 5 -11.85 -23.43 -8.94
C PHE C 5 -10.53 -24.13 -9.24
N ARG C 6 -9.51 -23.74 -8.51
CA ARG C 6 -8.24 -24.45 -8.47
C ARG C 6 -7.92 -24.75 -7.02
N VAL C 7 -7.37 -25.92 -6.75
CA VAL C 7 -6.99 -26.32 -5.42
C VAL C 7 -5.48 -26.42 -5.37
N TYR C 8 -4.87 -25.70 -4.46
CA TYR C 8 -3.47 -25.91 -4.14
C TYR C 8 -3.40 -26.68 -2.83
N TYR C 9 -2.38 -27.51 -2.70
CA TYR C 9 -2.36 -28.42 -1.57
C TYR C 9 -0.93 -28.82 -1.28
N ARG C 10 -0.72 -29.37 -0.08
CA ARG C 10 0.58 -29.79 0.40
C ARG C 10 0.58 -31.28 0.74
N ASP C 11 1.80 -31.83 0.82
CA ASP C 11 2.02 -33.19 1.29
C ASP C 11 2.87 -33.19 2.57
N ASP C 14 6.37 -32.44 2.41
CA ASP C 14 6.84 -31.50 1.39
C ASP C 14 6.14 -30.15 1.53
N PRO C 15 6.89 -29.12 1.94
CA PRO C 15 6.27 -27.83 2.29
C PRO C 15 5.90 -26.95 1.10
N VAL C 16 6.24 -27.33 -0.13
CA VAL C 16 5.93 -26.51 -1.29
C VAL C 16 4.49 -26.78 -1.71
N TRP C 17 3.77 -25.72 -2.05
CA TRP C 17 2.37 -25.85 -2.44
C TRP C 17 2.26 -26.41 -3.85
N LYS C 18 1.50 -27.49 -3.99
CA LYS C 18 1.31 -28.16 -5.27
C LYS C 18 0.00 -27.73 -5.92
N GLY C 19 -0.17 -28.11 -7.18
CA GLY C 19 -1.36 -27.76 -7.91
C GLY C 19 -1.10 -26.81 -9.05
N PRO C 20 -2.16 -26.29 -9.67
CA PRO C 20 -3.58 -26.45 -9.29
C PRO C 20 -4.15 -27.84 -9.62
N ALA C 21 -5.04 -28.29 -8.75
CA ALA C 21 -5.78 -29.54 -8.93
C ALA C 21 -7.26 -29.20 -9.10
N LYS C 22 -8.01 -30.15 -9.66
CA LYS C 22 -9.44 -29.98 -9.83
C LYS C 22 -10.16 -30.27 -8.52
N LEU C 23 -11.06 -29.38 -8.11
CA LEU C 23 -11.87 -29.63 -6.93
C LEU C 23 -12.99 -30.62 -7.25
N LEU C 24 -13.17 -31.63 -6.38
CA LEU C 24 -14.29 -32.56 -6.51
C LEU C 24 -15.24 -32.52 -5.33
N GLU C 25 -14.74 -32.42 -4.09
CA GLU C 25 -15.62 -32.25 -2.94
C GLU C 25 -14.89 -31.54 -1.82
N LYS C 26 -15.52 -30.53 -1.25
CA LYS C 26 -15.02 -29.85 -0.05
C LYS C 26 -15.75 -30.41 1.16
N GLY C 27 -15.08 -31.29 1.91
CA GLY C 27 -15.63 -31.82 3.14
C GLY C 27 -15.25 -30.97 4.34
N GLU C 28 -15.74 -31.38 5.51
CA GLU C 28 -15.41 -30.66 6.73
C GLU C 28 -13.96 -30.90 7.14
N GLY C 29 -13.48 -32.12 6.96
CA GLY C 29 -12.14 -32.46 7.40
C GLY C 29 -11.18 -32.84 6.28
N ALA C 30 -11.71 -33.08 5.08
CA ALA C 30 -10.87 -33.48 3.96
C ALA C 30 -11.45 -32.95 2.66
N VAL C 31 -10.59 -32.80 1.66
N VAL C 31 -10.59 -32.83 1.65
CA VAL C 31 -11.00 -32.38 0.33
CA VAL C 31 -10.97 -32.35 0.33
C VAL C 31 -10.65 -33.48 -0.66
C VAL C 31 -10.61 -33.41 -0.69
N VAL C 32 -11.56 -33.75 -1.57
CA VAL C 32 -11.33 -34.67 -2.67
C VAL C 32 -10.98 -33.84 -3.89
N ILE C 33 -9.85 -34.16 -4.53
CA ILE C 33 -9.36 -33.43 -5.68
C ILE C 33 -8.85 -34.42 -6.72
N GLN C 34 -8.56 -33.90 -7.90
CA GLN C 34 -7.88 -34.66 -8.95
C GLN C 34 -6.77 -33.80 -9.51
N ASP C 35 -5.59 -34.40 -9.66
CA ASP C 35 -4.41 -33.69 -10.15
C ASP C 35 -3.68 -34.64 -11.08
N ASN C 36 -3.66 -34.32 -12.37
CA ASN C 36 -3.03 -35.16 -13.38
C ASN C 36 -3.55 -36.60 -13.31
N SER C 37 -4.88 -36.71 -13.38
CA SER C 37 -5.60 -37.98 -13.48
C SER C 37 -5.53 -38.81 -12.20
N ASP C 38 -4.81 -38.33 -11.18
CA ASP C 38 -4.76 -39.01 -9.90
C ASP C 38 -5.78 -38.41 -8.95
N ILE C 39 -6.60 -39.26 -8.35
CA ILE C 39 -7.57 -38.83 -7.33
C ILE C 39 -6.87 -38.75 -5.99
N LYS C 40 -7.03 -37.62 -5.30
CA LYS C 40 -6.38 -37.42 -4.01
C LYS C 40 -7.38 -36.93 -2.97
N VAL C 41 -7.18 -37.36 -1.74
CA VAL C 41 -7.93 -36.87 -0.58
C VAL C 41 -6.92 -36.21 0.36
N VAL C 42 -7.15 -34.94 0.68
CA VAL C 42 -6.20 -34.11 1.43
C VAL C 42 -6.92 -33.51 2.64
N PRO C 43 -6.28 -33.40 3.80
CA PRO C 43 -6.93 -32.70 4.92
C PRO C 43 -7.21 -31.24 4.60
N ARG C 44 -8.28 -30.70 5.19
CA ARG C 44 -8.66 -29.32 4.96
C ARG C 44 -7.51 -28.36 5.19
N ARG C 45 -6.71 -28.59 6.24
CA ARG C 45 -5.66 -27.63 6.58
C ARG C 45 -4.52 -27.64 5.57
N LYS C 46 -4.42 -28.69 4.75
CA LYS C 46 -3.39 -28.76 3.73
C LYS C 46 -3.92 -28.41 2.35
N ALA C 47 -5.10 -27.82 2.26
CA ALA C 47 -5.70 -27.45 0.97
C ALA C 47 -6.05 -25.96 0.96
N LYS C 48 -5.91 -25.35 -0.21
CA LYS C 48 -6.30 -23.97 -0.44
C LYS C 48 -7.16 -23.95 -1.68
N ILE C 49 -8.45 -23.68 -1.52
CA ILE C 49 -9.42 -23.71 -2.60
C ILE C 49 -9.67 -22.28 -3.07
N ILE C 50 -9.31 -21.98 -4.32
CA ILE C 50 -9.26 -20.60 -4.80
C ILE C 50 -10.09 -20.46 -6.06
N ARG C 51 -10.99 -19.48 -6.07
CA ARG C 51 -11.80 -19.10 -7.21
C ARG C 51 -11.06 -18.09 -8.10
N ASP C 52 -11.46 -18.04 -9.36
CA ASP C 52 -11.00 -16.99 -10.28
C ASP C 52 -11.88 -15.74 -10.16
N TYR C 53 -11.90 -15.17 -8.94
CA TYR C 53 -12.81 -14.06 -8.68
C TYR C 53 -12.61 -12.92 -9.67
N GLY C 54 -11.37 -12.48 -9.86
CA GLY C 54 -11.08 -11.41 -10.81
C GLY C 54 -11.31 -11.73 -12.27
N LYS C 55 -11.69 -12.97 -12.58
CA LYS C 55 -11.99 -13.42 -13.95
C LYS C 55 -10.78 -13.29 -14.87
N SER D 78 -0.25 -0.59 -23.39
CA SER D 78 -1.53 -0.97 -22.78
C SER D 78 -1.70 -0.37 -21.39
N PRO D 79 -2.94 0.00 -21.03
CA PRO D 79 -3.19 0.57 -19.70
C PRO D 79 -3.04 -0.43 -18.55
N GLY D 80 -3.00 -1.73 -18.82
CA GLY D 80 -3.03 -2.70 -17.73
C GLY D 80 -1.73 -3.44 -17.47
N ILE D 81 -0.62 -2.96 -18.02
CA ILE D 81 0.67 -3.65 -18.01
C ILE D 81 1.56 -3.04 -16.92
N TRP D 82 2.07 -3.88 -16.04
CA TRP D 82 2.97 -3.51 -14.96
C TRP D 82 4.24 -4.37 -15.02
N GLN D 83 5.37 -3.80 -14.58
CA GLN D 83 6.61 -4.54 -14.34
C GLN D 83 6.96 -4.49 -12.86
N LEU D 84 7.36 -5.65 -12.31
CA LEU D 84 7.79 -5.76 -10.92
C LEU D 84 9.19 -6.36 -10.83
N ASP D 85 9.95 -5.88 -9.83
CA ASP D 85 11.31 -6.34 -9.61
C ASP D 85 11.74 -5.92 -8.21
N CYS D 86 12.68 -6.67 -7.63
CA CYS D 86 13.26 -6.32 -6.33
C CYS D 86 14.62 -5.68 -6.52
N THR D 87 14.93 -4.72 -5.65
CA THR D 87 16.27 -4.16 -5.56
C THR D 87 16.62 -4.11 -4.07
N HIS D 88 17.91 -3.90 -3.75
CA HIS D 88 18.39 -4.03 -2.38
CA HIS D 88 18.39 -4.03 -2.38
C HIS D 88 19.16 -2.78 -1.96
N LEU D 89 18.92 -2.35 -0.72
CA LEU D 89 19.66 -1.28 -0.06
C LEU D 89 19.70 -1.59 1.43
N GLU D 90 20.88 -1.45 2.03
CA GLU D 90 21.04 -1.60 3.47
C GLU D 90 20.63 -2.99 3.96
N GLY D 91 20.84 -4.00 3.12
CA GLY D 91 20.46 -5.35 3.46
C GLY D 91 18.96 -5.60 3.45
N LYS D 92 18.17 -4.64 2.98
CA LYS D 92 16.73 -4.76 2.94
C LYS D 92 16.25 -4.90 1.50
N VAL D 93 15.07 -5.51 1.35
CA VAL D 93 14.51 -5.89 0.06
C VAL D 93 13.40 -4.93 -0.30
N ILE D 94 13.54 -4.25 -1.43
CA ILE D 94 12.54 -3.29 -1.90
C ILE D 94 11.85 -3.89 -3.12
N LEU D 95 10.55 -4.12 -3.00
CA LEU D 95 9.76 -4.63 -4.10
C LEU D 95 9.11 -3.45 -4.80
N VAL D 96 9.40 -3.29 -6.10
CA VAL D 96 9.00 -2.11 -6.88
C VAL D 96 8.05 -2.54 -7.99
N ALA D 97 6.95 -1.80 -8.15
CA ALA D 97 6.01 -1.98 -9.26
C ALA D 97 6.00 -0.72 -10.11
N VAL D 98 6.09 -0.85 -11.43
CA VAL D 98 6.00 0.29 -12.34
C VAL D 98 4.87 0.07 -13.33
N HIS D 99 4.02 1.09 -13.49
CA HIS D 99 3.00 1.12 -14.54
C HIS D 99 3.69 1.59 -15.82
N VAL D 100 3.92 0.65 -16.75
CA VAL D 100 4.84 0.89 -17.86
C VAL D 100 4.40 2.10 -18.69
N ALA D 101 3.09 2.26 -18.91
CA ALA D 101 2.63 3.33 -19.79
C ALA D 101 2.81 4.74 -19.20
N SER D 102 2.90 4.86 -17.87
CA SER D 102 3.01 6.17 -17.24
C SER D 102 4.33 6.42 -16.53
N GLY D 103 5.04 5.38 -16.10
CA GLY D 103 6.19 5.54 -15.22
C GLY D 103 5.85 5.65 -13.75
N TYR D 104 4.56 5.57 -13.40
CA TYR D 104 4.16 5.61 -12.00
C TYR D 104 4.69 4.39 -11.26
N ILE D 105 5.08 4.57 -10.00
CA ILE D 105 5.62 3.47 -9.21
C ILE D 105 4.99 3.42 -7.83
N GLU D 106 4.94 2.19 -7.28
CA GLU D 106 4.70 1.91 -5.87
C GLU D 106 5.78 0.98 -5.38
N ALA D 107 6.09 1.04 -4.09
CA ALA D 107 7.15 0.20 -3.57
C ALA D 107 6.91 -0.12 -2.10
N GLU D 108 7.42 -1.27 -1.66
CA GLU D 108 7.39 -1.63 -0.26
C GLU D 108 8.70 -2.29 0.10
N VAL D 109 9.17 -2.03 1.31
CA VAL D 109 10.26 -2.83 1.88
C VAL D 109 9.62 -4.09 2.47
N ILE D 110 10.02 -5.24 1.94
CA ILE D 110 9.43 -6.49 2.42
C ILE D 110 10.45 -7.23 3.27
N PRO D 111 10.01 -7.99 4.27
CA PRO D 111 10.98 -8.60 5.20
C PRO D 111 11.83 -9.69 4.58
N ALA D 112 11.36 -10.34 3.52
CA ALA D 112 12.16 -11.35 2.83
C ALA D 112 11.73 -11.41 1.37
N GLU D 113 12.67 -11.79 0.51
CA GLU D 113 12.44 -11.80 -0.94
C GLU D 113 11.77 -13.13 -1.34
N THR D 114 10.54 -13.32 -0.86
CA THR D 114 9.84 -14.60 -0.97
C THR D 114 8.58 -14.49 -1.81
N GLY D 115 8.08 -15.65 -2.23
CA GLY D 115 6.83 -15.69 -2.95
C GLY D 115 5.65 -15.19 -2.12
N GLN D 116 5.60 -15.57 -0.84
CA GLN D 116 4.49 -15.13 0.00
C GLN D 116 4.43 -13.61 0.11
N GLU D 117 5.57 -12.95 0.33
CA GLU D 117 5.57 -11.49 0.42
C GLU D 117 5.24 -10.85 -0.92
N THR D 118 5.72 -11.45 -2.01
CA THR D 118 5.40 -10.94 -3.34
C THR D 118 3.91 -11.07 -3.65
N ALA D 119 3.30 -12.21 -3.25
CA ALA D 119 1.88 -12.44 -3.52
C ALA D 119 1.01 -11.46 -2.76
N TYR D 120 1.33 -11.18 -1.49
CA TYR D 120 0.56 -10.22 -0.72
C TYR D 120 0.65 -8.82 -1.34
N PHE D 121 1.85 -8.42 -1.80
CA PHE D 121 2.02 -7.13 -2.48
C PHE D 121 1.15 -7.04 -3.73
N LEU D 122 1.10 -8.10 -4.52
CA LEU D 122 0.29 -8.10 -5.73
C LEU D 122 -1.19 -7.98 -5.41
N LEU D 123 -1.66 -8.63 -4.34
CA LEU D 123 -3.08 -8.51 -3.99
C LEU D 123 -3.44 -7.08 -3.63
N LYS D 124 -2.56 -6.40 -2.90
CA LYS D 124 -2.79 -4.99 -2.61
C LYS D 124 -2.79 -4.16 -3.89
N LEU D 125 -1.78 -4.35 -4.73
CA LEU D 125 -1.71 -3.58 -5.97
C LEU D 125 -2.96 -3.79 -6.82
N ALA D 126 -3.43 -5.04 -6.92
CA ALA D 126 -4.57 -5.34 -7.78
C ALA D 126 -5.86 -4.71 -7.25
N GLY D 127 -5.94 -4.46 -5.95
CA GLY D 127 -7.12 -3.80 -5.43
C GLY D 127 -7.20 -2.32 -5.77
N ARG D 128 -6.07 -1.70 -6.13
CA ARG D 128 -6.00 -0.25 -6.38
C ARG D 128 -6.12 0.14 -7.85
N TRP D 129 -5.59 -0.69 -8.75
CA TRP D 129 -5.47 -0.39 -10.17
C TRP D 129 -6.00 -1.57 -10.97
N PRO D 130 -6.30 -1.37 -12.26
CA PRO D 130 -6.73 -2.49 -13.11
C PRO D 130 -5.52 -3.25 -13.68
N VAL D 131 -5.02 -4.18 -12.87
CA VAL D 131 -3.79 -4.90 -13.18
C VAL D 131 -4.15 -6.10 -14.06
N LYS D 132 -3.73 -6.05 -15.31
CA LYS D 132 -4.04 -7.12 -16.26
C LYS D 132 -2.85 -8.00 -16.58
N THR D 133 -1.65 -7.42 -16.69
CA THR D 133 -0.46 -8.20 -16.99
C THR D 133 0.69 -7.70 -16.11
N VAL D 134 1.45 -8.63 -15.55
CA VAL D 134 2.67 -8.28 -14.81
C VAL D 134 3.85 -8.96 -15.48
N HIS D 135 4.88 -8.19 -15.81
CA HIS D 135 6.12 -8.68 -16.40
CA HIS D 135 6.11 -8.70 -16.40
C HIS D 135 7.20 -8.68 -15.33
N THR D 136 7.89 -9.81 -15.19
CA THR D 136 8.98 -9.94 -14.21
C THR D 136 10.12 -10.71 -14.85
N ASP D 137 11.27 -10.73 -14.17
CA ASP D 137 12.30 -11.70 -14.50
C ASP D 137 11.91 -13.04 -13.88
N ASN D 138 12.85 -13.99 -13.88
CA ASN D 138 12.60 -15.34 -13.41
C ASN D 138 13.05 -15.58 -11.97
N GLY D 139 13.13 -14.53 -11.16
CA GLY D 139 13.39 -14.72 -9.75
C GLY D 139 12.40 -15.69 -9.14
N SER D 140 12.87 -16.48 -8.16
CA SER D 140 12.06 -17.57 -7.63
C SER D 140 10.82 -17.06 -6.90
N ASN D 141 10.89 -15.86 -6.32
CA ASN D 141 9.70 -15.29 -5.71
C ASN D 141 8.61 -15.00 -6.74
N PHE D 142 9.00 -14.62 -7.97
CA PHE D 142 8.01 -14.27 -8.98
C PHE D 142 7.42 -15.48 -9.69
N THR D 143 8.09 -16.62 -9.66
CA THR D 143 7.58 -17.84 -10.27
C THR D 143 6.95 -18.78 -9.25
N SER D 144 6.83 -18.36 -8.00
CA SER D 144 6.37 -19.21 -6.93
C SER D 144 4.88 -19.48 -7.04
N THR D 145 4.44 -20.56 -6.39
CA THR D 145 3.05 -20.98 -6.43
C THR D 145 2.13 -19.97 -5.76
N THR D 146 2.59 -19.33 -4.67
CA THR D 146 1.73 -18.33 -4.04
C THR D 146 1.47 -17.15 -4.96
N VAL D 147 2.46 -16.78 -5.79
CA VAL D 147 2.23 -15.69 -6.72
C VAL D 147 1.28 -16.13 -7.83
N LYS D 148 1.43 -17.36 -8.32
CA LYS D 148 0.51 -17.88 -9.33
C LYS D 148 -0.92 -17.90 -8.81
N ALA D 149 -1.09 -18.29 -7.54
CA ALA D 149 -2.40 -18.30 -6.90
C ALA D 149 -3.00 -16.90 -6.82
N ALA D 150 -2.20 -15.93 -6.36
CA ALA D 150 -2.68 -14.55 -6.30
C ALA D 150 -3.10 -14.06 -7.68
N CYS D 151 -2.30 -14.35 -8.70
CA CYS D 151 -2.61 -13.89 -10.05
C CYS D 151 -3.87 -14.56 -10.58
N TRP D 152 -4.05 -15.84 -10.27
CA TRP D 152 -5.27 -16.53 -10.68
C TRP D 152 -6.50 -15.91 -10.02
N TRP D 153 -6.43 -15.68 -8.70
CA TRP D 153 -7.56 -15.06 -8.00
C TRP D 153 -7.91 -13.69 -8.55
N ALA D 154 -6.89 -12.85 -8.80
CA ALA D 154 -7.11 -11.47 -9.21
C ALA D 154 -7.28 -11.29 -10.72
N GLY D 155 -7.07 -12.32 -11.53
CA GLY D 155 -7.23 -12.17 -12.97
C GLY D 155 -6.03 -11.56 -13.66
N ILE D 156 -4.83 -11.80 -13.15
CA ILE D 156 -3.60 -11.25 -13.69
C ILE D 156 -2.91 -12.31 -14.54
N LYS D 157 -2.45 -11.92 -15.72
CA LYS D 157 -1.62 -12.77 -16.58
C LYS D 157 -0.15 -12.45 -16.33
N GLN D 158 0.68 -13.48 -16.19
CA GLN D 158 2.09 -13.29 -15.90
C GLN D 158 2.92 -13.51 -17.16
N GLU D 159 3.90 -12.64 -17.39
CA GLU D 159 4.87 -12.87 -18.45
C GLU D 159 6.27 -12.71 -17.88
N PHE D 160 7.21 -13.48 -18.41
CA PHE D 160 8.55 -13.57 -17.84
C PHE D 160 9.59 -13.19 -18.87
N GLY D 161 10.73 -12.68 -18.38
CA GLY D 161 11.84 -12.33 -19.23
C GLY D 161 11.55 -11.18 -20.16
N GLY D 170 13.31 -3.11 -19.93
CA GLY D 170 14.32 -2.40 -19.15
C GLY D 170 13.75 -1.22 -18.38
N VAL D 171 12.43 -1.12 -18.34
CA VAL D 171 11.78 0.00 -17.67
C VAL D 171 11.99 -0.10 -16.16
N ILE D 172 11.74 -1.28 -15.57
CA ILE D 172 11.83 -1.42 -14.12
C ILE D 172 13.29 -1.36 -13.67
N GLU D 173 14.21 -1.92 -14.46
CA GLU D 173 15.62 -1.88 -14.09
C GLU D 173 16.15 -0.45 -14.16
N SER D 174 15.73 0.30 -15.17
CA SER D 174 15.99 1.73 -15.17
C SER D 174 15.36 2.40 -13.96
N MET D 175 14.16 1.96 -13.59
CA MET D 175 13.46 2.60 -12.49
C MET D 175 14.12 2.28 -11.15
N ASN D 176 14.65 1.06 -10.99
CA ASN D 176 15.40 0.73 -9.77
C ASN D 176 16.51 1.74 -9.53
N LYS D 177 17.31 2.02 -10.57
CA LYS D 177 18.43 2.95 -10.42
C LYS D 177 17.95 4.36 -10.07
N GLU D 178 16.89 4.82 -10.74
CA GLU D 178 16.36 6.14 -10.46
C GLU D 178 15.88 6.24 -9.01
N LEU D 179 15.19 5.22 -8.53
CA LEU D 179 14.69 5.25 -7.16
C LEU D 179 15.84 5.27 -6.16
N LYS D 180 16.87 4.44 -6.40
CA LYS D 180 18.03 4.43 -5.51
C LYS D 180 18.74 5.78 -5.50
N LYS D 181 18.68 6.52 -6.61
CA LYS D 181 19.33 7.83 -6.67
C LYS D 181 18.59 8.83 -5.79
N ILE D 182 17.26 8.88 -5.91
CA ILE D 182 16.47 9.77 -5.07
C ILE D 182 16.63 9.40 -3.60
N ILE D 183 16.56 8.09 -3.30
CA ILE D 183 16.77 7.63 -1.93
C ILE D 183 18.08 8.18 -1.37
N GLY D 184 19.17 8.04 -2.11
CA GLY D 184 20.46 8.54 -1.64
C GLY D 184 20.47 10.05 -1.41
N GLN D 185 19.69 10.79 -2.21
CA GLN D 185 19.59 12.24 -2.04
C GLN D 185 18.86 12.62 -0.75
N VAL D 186 17.90 11.81 -0.31
CA VAL D 186 17.06 12.17 0.84
C VAL D 186 17.34 11.32 2.07
N ARG D 187 18.32 10.41 2.03
CA ARG D 187 18.44 9.37 3.06
C ARG D 187 18.70 9.95 4.45
N ASP D 188 19.47 11.03 4.53
CA ASP D 188 19.80 11.54 5.86
C ASP D 188 18.65 12.32 6.50
N GLN D 189 17.53 12.50 5.79
CA GLN D 189 16.36 13.15 6.36
C GLN D 189 15.47 12.22 7.16
N ALA D 190 15.70 10.90 7.11
CA ALA D 190 14.86 9.93 7.79
C ALA D 190 15.74 8.94 8.53
N GLU D 191 15.22 8.43 9.66
CA GLU D 191 15.90 7.34 10.34
C GLU D 191 15.84 6.06 9.52
N HIS D 192 14.63 5.63 9.14
CA HIS D 192 14.42 4.32 8.53
C HIS D 192 14.55 4.35 7.02
N LEU D 193 15.20 3.33 6.47
CA LEU D 193 15.27 3.19 5.02
C LEU D 193 13.87 3.24 4.40
N LYS D 194 12.90 2.54 4.99
CA LYS D 194 11.58 2.48 4.36
C LYS D 194 10.95 3.86 4.27
N THR D 195 11.18 4.72 5.25
CA THR D 195 10.68 6.10 5.16
C THR D 195 11.27 6.80 3.95
N ALA D 196 12.59 6.67 3.77
CA ALA D 196 13.23 7.28 2.61
C ALA D 196 12.67 6.70 1.31
N VAL D 197 12.39 5.40 1.30
CA VAL D 197 11.83 4.78 0.09
C VAL D 197 10.52 5.46 -0.31
N GLN D 198 9.61 5.64 0.65
CA GLN D 198 8.33 6.25 0.31
C GLN D 198 8.47 7.73 0.00
N MET D 199 9.41 8.42 0.64
CA MET D 199 9.71 9.78 0.22
C MET D 199 10.14 9.81 -1.25
N ALA D 200 11.03 8.89 -1.62
CA ALA D 200 11.49 8.85 -3.02
C ALA D 200 10.35 8.51 -3.98
N VAL D 201 9.44 7.60 -3.58
CA VAL D 201 8.30 7.27 -4.44
C VAL D 201 7.44 8.50 -4.71
N PHE D 202 7.03 9.19 -3.63
CA PHE D 202 6.34 10.47 -3.71
C PHE D 202 7.08 11.44 -4.64
N ILE D 203 8.37 11.67 -4.39
CA ILE D 203 9.14 12.59 -5.22
C ILE D 203 9.07 12.18 -6.69
N HIS D 204 9.24 10.88 -6.97
CA HIS D 204 9.20 10.44 -8.35
C HIS D 204 7.82 10.66 -8.95
N ASN D 205 6.77 10.26 -8.22
CA ASN D 205 5.43 10.28 -8.82
C ASN D 205 4.87 11.68 -9.00
N LYS D 206 5.33 12.65 -8.20
CA LYS D 206 4.78 14.00 -8.24
C LYS D 206 5.55 14.93 -9.16
N LYS D 207 6.75 14.55 -9.60
CA LYS D 207 7.59 15.46 -10.38
C LYS D 207 6.99 15.69 -11.76
N ARG D 208 6.79 16.95 -12.11
CA ARG D 208 6.25 17.34 -13.43
C ARG D 208 7.28 17.15 -14.54
N GLY D 214 3.71 18.75 -19.56
CA GLY D 214 3.80 19.09 -18.15
C GLY D 214 2.89 18.24 -17.27
N TYR D 215 3.13 16.93 -17.28
CA TYR D 215 2.38 15.99 -16.46
C TYR D 215 3.35 15.14 -15.64
N SER D 216 2.99 14.86 -14.41
CA SER D 216 3.75 13.92 -13.59
C SER D 216 3.30 12.48 -13.88
N ALA D 217 4.09 11.53 -13.40
CA ALA D 217 3.70 10.12 -13.54
C ALA D 217 2.37 9.84 -12.84
N GLY D 218 2.17 10.40 -11.65
CA GLY D 218 0.91 10.22 -10.94
C GLY D 218 -0.28 10.76 -11.71
N GLU D 219 -0.10 11.91 -12.37
CA GLU D 219 -1.16 12.44 -13.23
C GLU D 219 -1.34 11.59 -14.47
N ARG D 220 -0.26 11.02 -15.00
CA ARG D 220 -0.37 10.25 -16.23
C ARG D 220 -1.09 8.92 -16.00
N ILE D 221 -0.86 8.26 -14.87
CA ILE D 221 -1.54 6.96 -14.70
C ILE D 221 -3.03 7.17 -14.53
N VAL D 222 -3.42 8.20 -13.76
CA VAL D 222 -4.84 8.47 -13.55
C VAL D 222 -5.53 8.85 -14.85
N ASP D 223 -4.85 9.64 -15.70
CA ASP D 223 -5.42 10.05 -16.98
C ASP D 223 -5.56 8.87 -17.94
N ILE D 224 -4.53 8.02 -18.00
CA ILE D 224 -4.55 6.85 -18.88
C ILE D 224 -5.70 5.92 -18.50
N ILE D 225 -5.86 5.66 -17.20
CA ILE D 225 -6.86 4.70 -16.77
C ILE D 225 -8.26 5.29 -16.91
N ALA D 226 -8.43 6.57 -16.56
CA ALA D 226 -9.74 7.20 -16.68
C ALA D 226 -10.17 7.29 -18.13
N THR D 227 -9.25 7.57 -19.05
CA THR D 227 -9.57 7.60 -20.47
C THR D 227 -10.13 6.24 -20.93
N ASP D 228 -9.46 5.16 -20.53
CA ASP D 228 -9.90 3.82 -20.91
C ASP D 228 -11.32 3.56 -20.41
N ILE D 229 -11.62 3.99 -19.18
CA ILE D 229 -12.95 3.82 -18.62
C ILE D 229 -13.97 4.70 -19.35
N GLN D 230 -13.66 5.99 -19.50
CA GLN D 230 -14.62 6.97 -20.02
C GLN D 230 -14.96 6.74 -21.49
N THR D 231 -14.20 5.91 -22.19
CA THR D 231 -14.43 5.63 -23.60
C THR D 231 -14.81 4.17 -23.86
N LYS D 232 -15.23 3.46 -22.81
CA LYS D 232 -15.54 2.02 -22.86
C LYS D 232 -14.32 1.21 -23.31
C10 RWR E . 10.28 9.14 11.81
C11 RWR E . 9.77 10.47 11.80
C12 RWR E . 9.72 11.22 12.99
C13 RWR E . 10.14 10.64 14.19
C14 RWR E . 10.64 9.34 14.21
C15 RWR E . 10.72 8.59 13.04
C16 RWR E . 11.30 7.16 13.14
C17 RWR E . 9.15 12.65 12.99
C18 RWR E . 8.42 13.59 13.96
C19 RWR E . 9.93 13.67 13.81
C20 RWR E . 9.29 11.08 10.46
C21 RWR E . 10.22 11.52 9.50
C22 RWR E . 9.77 12.04 8.26
C02 RWR E . 11.82 8.20 10.07
C04 RWR E . 10.35 8.34 10.47
C06 RWR E . 8.38 6.86 10.41
C07 RWR E . 8.08 5.33 10.37
C08 RWR E . 7.62 7.49 11.62
C09 RWR E . 7.90 7.53 9.11
C23 RWR E . 10.71 12.48 7.34
C24 RWR E . 10.12 13.28 6.19
C25 RWR E . 8.83 12.61 5.74
C27 RWR E . 8.40 12.12 8.00
C28 RWR E . 7.47 11.69 8.97
C29 RWR E . 7.90 11.17 10.20
O01 RWR E . 12.65 9.08 10.44
O03 RWR E . 12.23 7.19 9.41
O05 RWR E . 9.82 7.03 10.54
O26 RWR E . 7.90 12.63 6.83
C1 EDO F . 17.40 12.47 10.53
O1 EDO F . 16.92 11.53 11.48
C2 EDO F . 17.49 13.87 11.10
O2 EDO F . 18.61 14.04 11.96
C1 EDO G . 6.83 8.44 19.32
O1 EDO G . 7.19 7.94 18.04
C2 EDO G . 7.18 9.89 19.44
O2 EDO G . 6.30 10.71 18.68
C1 EDO H . 9.70 29.45 7.77
O1 EDO H . 8.53 28.94 7.16
C2 EDO H . 10.89 28.64 7.30
O2 EDO H . 10.88 28.63 5.89
CL CL I . 26.44 25.04 16.33
C10 RWR J . -1.49 -18.02 1.22
C11 RWR J . -1.79 -18.44 -0.10
C12 RWR J . -1.29 -19.66 -0.56
C13 RWR J . -0.47 -20.44 0.25
C14 RWR J . -0.18 -20.03 1.54
C15 RWR J . -0.67 -18.84 2.04
C16 RWR J . -0.29 -18.47 3.50
C17 RWR J . -1.52 -20.20 -1.98
C18 RWR J . -0.78 -21.18 -2.89
C19 RWR J . -2.04 -21.63 -2.13
C20 RWR J . -2.69 -17.53 -0.99
C21 RWR J . -4.07 -17.42 -0.76
C22 RWR J . -4.86 -16.57 -1.58
C02 RWR J . -3.11 -16.93 2.77
C04 RWR J . -2.07 -16.67 1.72
C06 RWR J . -0.32 -14.95 1.42
C07 RWR J . 0.44 -14.01 2.36
C08 RWR J . 0.69 -15.71 0.51
C09 RWR J . -1.25 -14.09 0.52
C23 RWR J . -6.23 -16.51 -1.32
C24 RWR J . -6.99 -15.86 -2.46
C25 RWR J . -6.22 -14.62 -2.92
C27 RWR J . -4.26 -15.85 -2.60
C28 RWR J . -2.88 -15.97 -2.84
C29 RWR J . -2.10 -16.81 -2.03
O01 RWR J . -3.84 -17.98 2.73
O03 RWR J . -3.24 -16.13 3.73
O05 RWR J . -1.06 -15.85 2.27
O26 RWR J . -4.94 -15.02 -3.44
MG MG K . -11.24 5.50 15.64
C1 EDO L . -13.32 -1.24 17.31
O1 EDO L . -12.96 -2.22 16.35
C2 EDO L . -13.28 -1.85 18.69
O2 EDO L . -12.67 -3.13 18.65
C1 EDO M . 0.19 5.74 20.09
O1 EDO M . -1.15 5.66 19.65
C2 EDO M . 0.66 7.15 19.86
O2 EDO M . 1.56 7.16 18.78
C1 EDO N . -15.37 -14.31 -3.28
O1 EDO N . -16.04 -15.31 -2.54
C2 EDO N . -13.89 -14.30 -2.92
O2 EDO N . -13.15 -15.20 -3.73
C1 EDO O . 0.13 21.34 5.49
O1 EDO O . 0.63 20.38 6.39
C2 EDO O . 1.10 21.60 4.36
O2 EDO O . 2.36 21.01 4.59
MG MG P . 15.19 -9.10 -10.36
C1 EDO Q . 21.53 4.14 1.12
O1 EDO Q . 20.86 3.11 1.79
C2 EDO Q . 20.58 4.83 0.20
O2 EDO Q . 20.66 6.20 0.46
C1 EDO R . 20.17 -0.47 9.06
O1 EDO R . 19.56 -1.67 9.50
C2 EDO R . 19.14 0.47 8.46
O2 EDO R . 18.57 -0.05 7.26
C1 EDO S . 12.54 16.06 0.04
O1 EDO S . 12.57 16.35 1.42
C2 EDO S . 13.45 16.98 -0.74
O2 EDO S . 14.79 16.75 -0.37
C1 EDO T . 9.99 -18.14 -2.94
O1 EDO T . 8.98 -18.30 -1.97
C2 EDO T . 11.27 -17.77 -2.26
O2 EDO T . 12.17 -17.22 -3.20
C1 EDO U . 3.75 -14.27 5.46
O1 EDO U . 3.06 -13.63 6.51
C2 EDO U . 3.61 -13.48 4.19
O2 EDO U . 3.54 -12.09 4.46
C1 EDO V . 22.91 9.15 3.83
O1 EDO V . 23.64 9.42 5.02
C2 EDO V . 23.48 9.90 2.65
O2 EDO V . 23.20 9.22 1.43
C1 EDO W . 6.14 -1.31 7.75
O1 EDO W . 5.13 -1.56 8.71
C2 EDO W . 5.88 -2.09 6.49
O2 EDO W . 7.08 -2.24 5.74
#